data_2WY0
#
_entry.id   2WY0
#
_cell.length_a   64.650
_cell.length_b   64.650
_cell.length_c   461.820
_cell.angle_alpha   90.00
_cell.angle_beta   90.00
_cell.angle_gamma   120.00
#
_symmetry.space_group_name_H-M   'P 61 2 2'
#
loop_
_entity.id
_entity.type
_entity.pdbx_description
1 polymer ANGIOTENSINOGEN
2 non-polymer 'SODIUM ION'
3 non-polymer 1,2-ETHANEDIOL
4 water water
#
_entity_poly.entity_id   1
_entity_poly.type   'polypeptide(L)'
_entity_poly.pdbx_seq_one_letter_code
;DRVYIHPFHLLYHNKSTCAQLENPSVETLPESTFEPVPIQAKTSPVNEKTLHDQLVLAAEKLEDEDRKRAAQVAMITNFV
GFRMYKMLNEAGSGASGAILSPPALFGTLVSFYLGSLDPTASQLQTLLDVPVKEGDCTSRLDGHKVLAALRAVQGLLVTQ
GGSSSQTPLLQSIVVGLFTAPGFRLKHSFVQSLALFTPALFPRSLDLSTDPVLATEKINRFIKAVTGWKMNLPLEGVSTD
STLLFNTYVHFQGTMRGFSQLPGVHEFWVDNSISVSVPMISGTGNFQHWSDAQNNFSVTCVPLGERATLLLIQPHCISDL
DRVEALIFQNDLLTWIENPPPRAIRLTLPQLEIRGSYNLQDLLAEDKLPTLLGAEANLNNIGDTNPRVGEVLNSILLELK
AGEEEQPTTSVQQPGSPEALDVTLSSPFLFAIYEQDSGTLHFLGRVNNPQSVV
;
_entity_poly.pdbx_strand_id   C
#
loop_
_chem_comp.id
_chem_comp.type
_chem_comp.name
_chem_comp.formula
EDO non-polymer 1,2-ETHANEDIOL 'C2 H6 O2'
NA non-polymer 'SODIUM ION' 'Na 1'
#
# COMPACT_ATOMS: atom_id res chain seq x y z
N ASP A 1 -9.02 13.71 -20.54
CA ASP A 1 -9.70 12.39 -20.70
C ASP A 1 -8.76 11.19 -20.33
N ARG A 2 -8.09 10.60 -21.34
CA ARG A 2 -7.11 9.51 -21.07
C ARG A 2 -5.77 10.13 -20.65
N VAL A 3 -5.48 10.01 -19.37
CA VAL A 3 -4.29 10.58 -18.76
C VAL A 3 -3.11 9.69 -19.07
N TYR A 4 -1.98 10.27 -19.43
CA TYR A 4 -0.77 9.50 -19.61
C TYR A 4 0.34 10.09 -18.76
N ILE A 5 1.12 9.21 -18.14
CA ILE A 5 2.29 9.62 -17.40
C ILE A 5 3.55 9.29 -18.21
N HIS A 6 4.47 10.26 -18.28
CA HIS A 6 5.69 10.10 -19.06
C HIS A 6 6.92 10.18 -18.14
N PRO A 7 7.19 9.11 -17.35
CA PRO A 7 8.20 9.21 -16.29
C PRO A 7 9.60 9.02 -16.88
N PHE A 8 10.12 10.02 -17.59
CA PHE A 8 11.37 9.85 -18.33
C PHE A 8 12.51 9.29 -17.49
N HIS A 9 12.63 9.78 -16.25
CA HIS A 9 13.73 9.38 -15.40
C HIS A 9 13.70 7.92 -14.90
N LEU A 10 12.56 7.24 -15.09
CA LEU A 10 12.40 5.84 -14.71
C LEU A 10 12.50 4.88 -15.89
N LEU A 11 12.71 5.42 -17.09
CA LEU A 11 12.82 4.56 -18.29
C LEU A 11 14.25 4.06 -18.51
N TYR A 12 14.42 3.09 -19.42
CA TYR A 12 15.73 2.69 -19.92
C TYR A 12 16.19 3.74 -20.91
N HIS A 13 17.45 4.16 -20.80
CA HIS A 13 18.00 5.18 -21.71
C HIS A 13 18.97 4.60 -22.75
N ASN A 14 19.54 3.43 -22.44
CA ASN A 14 20.54 2.80 -23.31
C ASN A 14 19.93 1.63 -24.12
N LYS A 15 19.70 1.88 -25.41
CA LYS A 15 19.13 0.85 -26.29
C LYS A 15 19.91 -0.48 -26.27
N SER A 16 21.24 -0.41 -26.34
CA SER A 16 22.10 -1.61 -26.24
C SER A 16 21.81 -2.49 -25.01
N THR A 17 21.74 -1.89 -23.83
CA THR A 17 21.42 -2.62 -22.58
C THR A 17 20.44 -3.78 -22.81
N CYS A 18 19.18 -3.49 -23.14
CA CYS A 18 18.15 -4.52 -23.28
C CYS A 18 18.46 -5.52 -24.41
N GLU A 27 25.47 -16.80 -26.04
CA GLU A 27 26.45 -15.84 -25.53
C GLU A 27 25.94 -15.24 -24.22
N THR A 28 25.49 -16.13 -23.33
CA THR A 28 24.89 -15.73 -22.07
C THR A 28 25.13 -16.81 -20.99
N LEU A 29 25.54 -16.41 -19.78
CA LEU A 29 25.59 -17.36 -18.66
C LEU A 29 24.17 -17.89 -18.42
N PRO A 30 24.05 -19.22 -18.15
CA PRO A 30 22.75 -19.70 -17.68
C PRO A 30 22.39 -18.97 -16.39
N GLU A 31 21.11 -18.62 -16.23
CA GLU A 31 20.71 -17.84 -15.05
C GLU A 31 20.70 -18.80 -13.85
N SER A 32 21.15 -18.28 -12.72
CA SER A 32 21.23 -19.00 -11.45
C SER A 32 19.89 -19.04 -10.74
N THR A 33 19.63 -20.12 -10.02
CA THR A 33 18.39 -20.35 -9.33
C THR A 33 18.68 -20.98 -7.97
N PHE A 34 17.70 -20.93 -7.06
CA PHE A 34 17.78 -21.69 -5.83
C PHE A 34 16.41 -22.28 -5.52
N GLU A 35 16.36 -23.23 -4.59
CA GLU A 35 15.10 -23.70 -4.06
C GLU A 35 14.84 -23.06 -2.69
N PRO A 36 13.68 -22.39 -2.53
CA PRO A 36 13.38 -21.76 -1.25
C PRO A 36 13.31 -22.83 -0.18
N VAL A 37 13.60 -22.46 1.06
CA VAL A 37 13.51 -23.41 2.17
C VAL A 37 12.03 -23.64 2.52
N PRO A 38 11.70 -24.81 3.09
CA PRO A 38 10.29 -25.12 3.41
C PRO A 38 9.73 -24.12 4.41
N ILE A 39 8.42 -23.87 4.35
CA ILE A 39 7.77 -22.90 5.23
C ILE A 39 8.02 -23.12 6.75
N GLN A 40 8.26 -24.37 7.15
CA GLN A 40 8.54 -24.75 8.54
C GLN A 40 9.92 -24.34 9.05
N ALA A 41 10.86 -24.04 8.16
CA ALA A 41 12.23 -23.75 8.57
C ALA A 41 12.23 -22.63 9.61
N LYS A 42 13.10 -22.75 10.63
CA LYS A 42 13.12 -21.81 11.77
C LYS A 42 13.58 -20.43 11.32
N THR A 43 12.77 -19.42 11.56
CA THR A 43 13.04 -18.06 11.09
C THR A 43 12.95 -17.05 12.25
N SER A 44 13.94 -16.16 12.32
CA SER A 44 13.93 -15.06 13.29
C SER A 44 12.89 -14.05 12.86
N PRO A 45 12.15 -13.49 13.82
CA PRO A 45 11.16 -12.46 13.47
C PRO A 45 11.82 -11.22 12.88
N VAL A 46 11.11 -10.54 11.99
CA VAL A 46 11.53 -9.24 11.45
C VAL A 46 11.76 -8.25 12.58
N ASN A 47 12.87 -7.52 12.51
CA ASN A 47 13.09 -6.38 13.42
C ASN A 47 12.65 -5.06 12.77
N GLU A 48 11.52 -4.53 13.22
CA GLU A 48 10.96 -3.32 12.61
C GLU A 48 11.82 -2.06 12.78
N LYS A 49 12.63 -2.03 13.84
CA LYS A 49 13.59 -0.94 14.06
C LYS A 49 14.81 -1.03 13.14
N THR A 50 15.32 -2.24 12.88
CA THR A 50 16.42 -2.45 11.91
C THR A 50 16.01 -2.06 10.47
N LEU A 51 14.77 -2.40 10.09
CA LEU A 51 14.18 -1.97 8.81
C LEU A 51 14.09 -0.45 8.72
N HIS A 52 13.51 0.17 9.76
CA HIS A 52 13.37 1.61 9.85
C HIS A 52 14.72 2.29 9.68
N ASP A 53 15.68 1.93 10.53
CA ASP A 53 17.02 2.55 10.52
C ASP A 53 17.71 2.46 9.16
N GLN A 54 17.40 1.41 8.39
CA GLN A 54 17.91 1.28 7.04
C GLN A 54 17.20 2.22 6.06
N LEU A 55 15.87 2.11 5.93
CA LEU A 55 15.09 3.01 5.05
C LEU A 55 15.47 4.46 5.24
N VAL A 56 15.85 4.80 6.48
CA VAL A 56 16.27 6.14 6.86
C VAL A 56 17.65 6.49 6.28
N LEU A 57 18.57 5.54 6.27
CA LEU A 57 19.84 5.69 5.52
C LEU A 57 19.53 5.94 4.03
N ALA A 58 18.63 5.15 3.45
CA ALA A 58 18.34 5.22 2.01
C ALA A 58 17.60 6.48 1.54
N ALA A 59 17.27 7.37 2.48
CA ALA A 59 16.64 8.65 2.17
C ALA A 59 17.53 9.80 2.62
N GLU A 60 18.55 9.48 3.41
CA GLU A 60 19.44 10.45 4.00
C GLU A 60 20.18 11.23 2.91
N LYS A 61 20.97 10.55 2.09
CA LYS A 61 21.73 11.22 1.04
C LYS A 61 21.12 10.93 -0.33
N LEU A 62 20.59 12.00 -0.93
CA LEU A 62 19.86 11.93 -2.20
C LEU A 62 20.20 13.15 -3.04
N GLU A 63 20.80 12.93 -4.21
CA GLU A 63 21.05 14.00 -5.17
C GLU A 63 19.73 14.48 -5.80
N ASP A 64 19.78 15.60 -6.51
CA ASP A 64 18.63 16.12 -7.25
C ASP A 64 17.96 15.07 -8.15
N GLU A 65 18.78 14.26 -8.83
CA GLU A 65 18.29 13.20 -9.71
C GLU A 65 17.36 12.22 -9.01
N ASP A 66 17.75 11.85 -7.80
CA ASP A 66 17.01 10.94 -6.99
C ASP A 66 15.64 11.51 -6.68
N ARG A 67 15.57 12.80 -6.40
CA ARG A 67 14.29 13.43 -6.08
C ARG A 67 13.42 13.59 -7.32
N LYS A 68 14.05 13.74 -8.48
CA LYS A 68 13.32 13.77 -9.74
C LYS A 68 12.61 12.44 -10.00
N ARG A 69 13.34 11.34 -9.75
CA ARG A 69 12.83 9.96 -9.86
C ARG A 69 11.72 9.68 -8.85
N ALA A 70 11.92 10.17 -7.63
CA ALA A 70 10.95 10.00 -6.56
C ALA A 70 9.66 10.76 -6.85
N ALA A 71 9.77 11.91 -7.51
CA ALA A 71 8.60 12.69 -7.89
C ALA A 71 7.80 11.94 -8.99
N GLN A 72 8.50 11.26 -9.89
CA GLN A 72 7.83 10.56 -10.97
C GLN A 72 7.22 9.23 -10.52
N VAL A 73 7.92 8.51 -9.65
CA VAL A 73 7.35 7.31 -9.06
C VAL A 73 6.09 7.62 -8.26
N ALA A 74 6.03 8.82 -7.67
CA ALA A 74 4.88 9.23 -6.86
C ALA A 74 3.61 9.30 -7.69
N MET A 75 3.73 9.85 -8.89
CA MET A 75 2.62 10.04 -9.82
C MET A 75 2.05 8.70 -10.26
N ILE A 76 2.92 7.76 -10.66
CA ILE A 76 2.46 6.44 -11.06
C ILE A 76 1.86 5.66 -9.88
N THR A 77 2.45 5.80 -8.71
CA THR A 77 1.95 5.16 -7.49
C THR A 77 0.55 5.67 -7.16
N ASN A 78 0.37 6.98 -7.11
CA ASN A 78 -0.92 7.57 -6.78
C ASN A 78 -2.00 7.14 -7.80
N PHE A 79 -1.71 7.26 -9.11
CA PHE A 79 -2.71 7.00 -10.14
CA PHE A 79 -2.72 6.97 -10.15
C PHE A 79 -3.21 5.55 -10.08
N VAL A 80 -2.28 4.62 -9.91
CA VAL A 80 -2.62 3.21 -9.85
C VAL A 80 -3.34 2.92 -8.55
N GLY A 81 -2.93 3.56 -7.45
CA GLY A 81 -3.65 3.51 -6.16
C GLY A 81 -5.09 3.98 -6.27
N PHE A 82 -5.31 5.19 -6.82
CA PHE A 82 -6.67 5.66 -7.15
C PHE A 82 -7.47 4.69 -8.03
N ARG A 83 -6.84 4.10 -9.03
CA ARG A 83 -7.59 3.22 -9.91
C ARG A 83 -7.99 1.93 -9.18
N MET A 84 -7.07 1.38 -8.38
CA MET A 84 -7.36 0.16 -7.62
C MET A 84 -8.27 0.42 -6.42
N TYR A 85 -8.17 1.61 -5.83
CA TYR A 85 -9.12 1.95 -4.79
C TYR A 85 -10.54 1.96 -5.35
N LYS A 86 -10.70 2.51 -6.56
CA LYS A 86 -11.98 2.49 -7.25
C LYS A 86 -12.44 1.02 -7.50
N MET A 87 -11.52 0.17 -7.94
CA MET A 87 -11.82 -1.27 -8.13
C MET A 87 -12.25 -1.96 -6.84
N LEU A 88 -11.54 -1.64 -5.75
CA LEU A 88 -11.89 -2.11 -4.40
C LEU A 88 -13.32 -1.78 -4.01
N ASN A 89 -13.74 -0.54 -4.18
CA ASN A 89 -15.13 -0.13 -3.84
C ASN A 89 -16.22 -0.74 -4.69
N GLU A 90 -15.93 -0.95 -5.96
CA GLU A 90 -16.83 -1.66 -6.87
C GLU A 90 -17.03 -3.14 -6.54
N ALA A 91 -15.99 -3.80 -6.01
CA ALA A 91 -16.11 -5.20 -5.58
C ALA A 91 -16.76 -5.33 -4.20
N GLY A 92 -16.73 -4.25 -3.39
CA GLY A 92 -17.31 -4.21 -2.03
C GLY A 92 -16.41 -4.89 -1.00
N SER A 93 -16.11 -4.20 0.12
CA SER A 93 -15.07 -4.72 1.07
C SER A 93 -15.32 -4.59 2.60
N GLY A 94 -16.38 -5.20 3.12
CA GLY A 94 -16.63 -5.18 4.58
C GLY A 94 -17.35 -3.92 5.01
N ALA A 95 -17.91 -3.95 6.21
CA ALA A 95 -18.78 -2.87 6.69
C ALA A 95 -18.04 -1.78 7.43
N SER A 96 -16.90 -2.12 8.00
CA SER A 96 -16.12 -1.15 8.75
C SER A 96 -15.49 -0.07 7.84
N GLY A 97 -15.27 -0.42 6.56
CA GLY A 97 -14.78 0.53 5.55
C GLY A 97 -13.90 -0.03 4.44
N ALA A 98 -12.90 0.76 4.04
CA ALA A 98 -11.92 0.41 3.01
C ALA A 98 -10.57 0.97 3.40
N ILE A 99 -9.51 0.28 2.99
CA ILE A 99 -8.15 0.77 3.11
C ILE A 99 -7.27 0.19 1.99
N LEU A 100 -6.41 1.03 1.41
CA LEU A 100 -5.47 0.57 0.40
C LEU A 100 -4.14 1.33 0.53
N SER A 101 -3.05 0.61 0.30
CA SER A 101 -1.74 1.23 0.29
C SER A 101 -1.19 1.33 -1.15
N PRO A 102 -1.20 2.53 -1.75
CA PRO A 102 -0.64 2.55 -3.11
C PRO A 102 0.82 2.05 -3.23
N PRO A 103 1.75 2.46 -2.32
CA PRO A 103 3.13 1.97 -2.46
C PRO A 103 3.26 0.44 -2.49
N ALA A 104 2.45 -0.24 -1.69
CA ALA A 104 2.49 -1.70 -1.60
C ALA A 104 1.91 -2.36 -2.84
N LEU A 105 0.81 -1.78 -3.35
CA LEU A 105 0.16 -2.34 -4.52
C LEU A 105 1.06 -2.12 -5.72
N PHE A 106 1.59 -0.91 -5.81
CA PHE A 106 2.47 -0.52 -6.88
C PHE A 106 3.73 -1.40 -6.84
N GLY A 107 4.33 -1.55 -5.66
CA GLY A 107 5.52 -2.40 -5.47
C GLY A 107 5.25 -3.83 -5.95
N THR A 108 4.09 -4.35 -5.60
CA THR A 108 3.70 -5.66 -6.04
C THR A 108 3.64 -5.74 -7.56
N LEU A 109 2.99 -4.77 -8.17
CA LEU A 109 2.85 -4.77 -9.61
C LEU A 109 4.19 -4.68 -10.33
N VAL A 110 5.12 -3.91 -9.78
CA VAL A 110 6.42 -3.71 -10.38
C VAL A 110 7.30 -4.97 -10.20
N SER A 111 7.15 -5.64 -9.08
CA SER A 111 7.83 -6.93 -8.86
C SER A 111 7.46 -7.93 -9.98
N PHE A 112 6.15 -8.15 -10.20
CA PHE A 112 5.72 -8.98 -11.33
C PHE A 112 6.28 -8.55 -12.67
N TYR A 113 6.30 -7.23 -12.89
CA TYR A 113 6.78 -6.62 -14.14
C TYR A 113 8.24 -6.98 -14.37
N LEU A 114 9.02 -6.92 -13.30
CA LEU A 114 10.41 -7.37 -13.30
C LEU A 114 10.56 -8.86 -13.62
N GLY A 115 9.55 -9.66 -13.30
CA GLY A 115 9.62 -11.10 -13.63
C GLY A 115 8.98 -11.47 -14.96
N SER A 116 8.47 -10.47 -15.68
CA SER A 116 7.60 -10.73 -16.81
C SER A 116 8.29 -10.48 -18.13
N LEU A 117 7.67 -10.95 -19.20
CA LEU A 117 8.11 -10.66 -20.56
C LEU A 117 6.83 -10.35 -21.35
N ASP A 118 6.96 -9.82 -22.56
CA ASP A 118 5.82 -9.58 -23.42
C ASP A 118 5.03 -10.85 -23.73
N PRO A 119 3.70 -10.72 -23.90
CA PRO A 119 2.92 -9.47 -23.83
C PRO A 119 2.70 -8.90 -22.42
N THR A 120 2.99 -9.71 -21.40
CA THR A 120 2.66 -9.39 -20.03
C THR A 120 3.38 -8.10 -19.55
N ALA A 121 4.65 -7.94 -19.95
CA ALA A 121 5.45 -6.77 -19.52
C ALA A 121 4.86 -5.46 -19.97
N SER A 122 4.47 -5.36 -21.24
CA SER A 122 3.84 -4.11 -21.73
C SER A 122 2.42 -3.95 -21.21
N GLN A 123 1.75 -5.05 -20.88
CA GLN A 123 0.41 -4.95 -20.32
C GLN A 123 0.43 -4.40 -18.88
N LEU A 124 1.45 -4.77 -18.13
CA LEU A 124 1.65 -4.21 -16.80
C LEU A 124 1.98 -2.71 -16.90
N GLN A 125 2.86 -2.38 -17.88
CA GLN A 125 3.22 -0.99 -18.14
C GLN A 125 2.02 -0.13 -18.57
N THR A 126 1.22 -0.62 -19.50
CA THR A 126 -0.04 0.06 -19.84
C THR A 126 -0.92 0.28 -18.61
N LEU A 127 -1.02 -0.73 -17.74
CA LEU A 127 -1.84 -0.62 -16.53
C LEU A 127 -1.39 0.56 -15.69
N LEU A 128 -0.07 0.77 -15.69
CA LEU A 128 0.57 1.78 -14.87
C LEU A 128 0.47 3.16 -15.54
N ASP A 129 -0.11 3.15 -16.73
CA ASP A 129 -0.51 4.38 -17.39
C ASP A 129 0.65 5.08 -18.11
N VAL A 130 1.74 4.33 -18.35
CA VAL A 130 2.91 4.83 -19.07
C VAL A 130 2.87 4.35 -20.55
N PRO A 131 3.09 5.27 -21.51
CA PRO A 131 3.04 4.85 -22.92
C PRO A 131 4.14 3.85 -23.26
N VAL A 132 3.84 2.92 -24.18
CA VAL A 132 4.78 1.91 -24.66
C VAL A 132 4.94 2.06 -26.18
N LYS A 133 6.17 2.03 -26.68
CA LYS A 133 6.38 1.92 -28.13
C LYS A 133 6.75 0.47 -28.46
N GLU A 134 5.86 -0.22 -29.18
CA GLU A 134 6.14 -1.57 -29.65
C GLU A 134 7.45 -1.52 -30.45
N GLY A 135 8.45 -2.30 -30.03
CA GLY A 135 9.76 -2.30 -30.69
C GLY A 135 10.86 -1.49 -30.03
N ASP A 136 10.50 -0.46 -29.27
CA ASP A 136 11.47 0.44 -28.67
C ASP A 136 11.57 0.23 -27.14
N CYS A 137 12.67 -0.39 -26.72
CA CYS A 137 12.85 -0.77 -25.31
C CYS A 137 13.18 0.42 -24.44
N THR A 138 13.62 1.53 -25.05
CA THR A 138 13.94 2.75 -24.31
C THR A 138 12.69 3.53 -23.91
N SER A 139 11.53 3.03 -24.31
CA SER A 139 10.24 3.55 -23.82
C SER A 139 9.73 2.71 -22.64
N ARG A 140 10.48 1.66 -22.27
CA ARG A 140 10.08 0.77 -21.18
C ARG A 140 10.59 1.23 -19.83
N LEU A 141 9.77 1.06 -18.81
CA LEU A 141 10.19 1.26 -17.42
C LEU A 141 11.40 0.37 -17.08
N ASP A 142 12.35 0.95 -16.35
CA ASP A 142 13.45 0.19 -15.78
C ASP A 142 13.01 -0.09 -14.37
N GLY A 143 12.63 -1.34 -14.10
CA GLY A 143 12.08 -1.76 -12.81
C GLY A 143 12.99 -1.50 -11.63
N HIS A 144 14.30 -1.56 -11.87
CA HIS A 144 15.30 -1.27 -10.82
C HIS A 144 15.30 0.21 -10.42
N LYS A 145 15.22 1.11 -11.40
CA LYS A 145 15.11 2.52 -11.06
C LYS A 145 13.81 2.73 -10.33
N VAL A 146 12.76 2.02 -10.75
CA VAL A 146 11.44 2.20 -10.15
C VAL A 146 11.45 1.77 -8.69
N LEU A 147 11.94 0.56 -8.41
CA LEU A 147 11.96 0.08 -7.02
C LEU A 147 12.88 0.94 -6.14
N ALA A 148 14.03 1.33 -6.66
CA ALA A 148 14.93 2.25 -5.95
C ALA A 148 14.29 3.63 -5.65
N ALA A 149 13.48 4.15 -6.58
CA ALA A 149 12.81 5.40 -6.32
C ALA A 149 11.70 5.19 -5.28
N LEU A 150 11.07 4.03 -5.29
CA LEU A 150 10.05 3.67 -4.32
C LEU A 150 10.61 3.45 -2.92
N ARG A 151 11.82 2.92 -2.83
CA ARG A 151 12.54 2.77 -1.57
C ARG A 151 12.80 4.14 -0.93
N ALA A 152 13.25 5.10 -1.74
CA ALA A 152 13.52 6.45 -1.25
C ALA A 152 12.27 7.16 -0.71
N VAL A 153 11.12 6.98 -1.37
CA VAL A 153 9.90 7.62 -0.86
C VAL A 153 9.40 6.96 0.43
N GLN A 154 9.61 5.65 0.56
CA GLN A 154 9.37 4.94 1.84
C GLN A 154 10.25 5.56 2.92
N GLY A 155 11.53 5.75 2.61
CA GLY A 155 12.46 6.45 3.49
C GLY A 155 12.06 7.86 3.92
N LEU A 156 11.63 8.68 2.96
CA LEU A 156 11.19 10.03 3.28
C LEU A 156 9.99 10.02 4.23
N LEU A 157 9.07 9.07 4.03
CA LEU A 157 7.91 8.95 4.93
C LEU A 157 8.26 8.87 6.44
N VAL A 158 9.35 8.19 6.80
CA VAL A 158 9.54 7.77 8.19
C VAL A 158 10.56 8.55 9.03
N THR A 159 10.77 9.82 8.67
CA THR A 159 11.78 10.69 9.29
C THR A 159 11.25 11.54 10.47
N THR A 167 7.07 9.48 19.18
CA THR A 167 8.10 9.60 18.13
C THR A 167 8.18 8.37 17.20
N PRO A 168 8.09 7.12 17.75
CA PRO A 168 8.22 5.92 16.89
C PRO A 168 7.21 5.91 15.74
N LEU A 169 7.71 6.22 14.54
CA LEU A 169 6.90 6.28 13.33
C LEU A 169 7.33 5.17 12.38
N LEU A 170 6.52 4.13 12.29
CA LEU A 170 6.93 2.91 11.60
C LEU A 170 6.09 2.61 10.37
N GLN A 171 6.78 2.24 9.31
CA GLN A 171 6.14 1.53 8.23
C GLN A 171 7.03 0.38 7.74
N SER A 172 6.48 -0.81 7.84
CA SER A 172 7.16 -2.05 7.46
C SER A 172 6.39 -2.75 6.38
N ILE A 173 7.08 -3.09 5.29
CA ILE A 173 6.54 -3.92 4.24
C ILE A 173 7.29 -5.26 4.27
N VAL A 174 6.52 -6.34 4.37
CA VAL A 174 7.03 -7.69 4.35
C VAL A 174 6.42 -8.40 3.16
N VAL A 175 7.24 -9.19 2.45
CA VAL A 175 6.76 -9.98 1.33
C VAL A 175 6.99 -11.46 1.62
N GLY A 176 5.92 -12.22 1.51
CA GLY A 176 5.96 -13.67 1.59
C GLY A 176 5.73 -14.25 0.21
N LEU A 177 6.71 -14.99 -0.28
CA LEU A 177 6.70 -15.53 -1.63
C LEU A 177 6.65 -17.04 -1.52
N PHE A 178 5.47 -17.60 -1.78
CA PHE A 178 5.20 -18.99 -1.48
C PHE A 178 5.10 -19.77 -2.77
N THR A 179 5.96 -20.77 -2.88
CA THR A 179 6.08 -21.56 -4.11
C THR A 179 5.82 -23.06 -3.82
N ALA A 180 5.47 -23.82 -4.86
CA ALA A 180 5.26 -25.26 -4.76
C ALA A 180 6.63 -25.97 -4.70
N PRO A 181 6.68 -27.18 -4.06
CA PRO A 181 7.93 -27.96 -3.97
C PRO A 181 8.55 -28.17 -5.34
N GLY A 182 9.87 -27.99 -5.44
CA GLY A 182 10.58 -28.19 -6.69
C GLY A 182 10.61 -26.96 -7.60
N PHE A 183 9.71 -26.01 -7.37
CA PHE A 183 9.79 -24.74 -8.13
C PHE A 183 11.03 -23.92 -7.72
N ARG A 184 11.87 -23.58 -8.69
CA ARG A 184 13.12 -22.89 -8.39
C ARG A 184 13.06 -21.42 -8.80
N LEU A 185 13.40 -20.53 -7.90
CA LEU A 185 13.39 -19.07 -8.16
C LEU A 185 14.68 -18.61 -8.83
N LYS A 186 14.57 -17.63 -9.74
CA LYS A 186 15.77 -17.06 -10.32
C LYS A 186 16.41 -16.05 -9.41
N HIS A 187 17.72 -16.15 -9.27
CA HIS A 187 18.50 -15.21 -8.48
C HIS A 187 18.22 -13.73 -8.75
N SER A 188 18.23 -13.32 -10.03
CA SER A 188 18.12 -11.89 -10.34
C SER A 188 16.74 -11.39 -10.00
N PHE A 189 15.75 -12.26 -10.14
CA PHE A 189 14.41 -11.92 -9.71
C PHE A 189 14.35 -11.63 -8.22
N VAL A 190 14.90 -12.49 -7.40
CA VAL A 190 14.78 -12.31 -5.95
C VAL A 190 15.61 -11.12 -5.45
N GLN A 191 16.70 -10.82 -6.16
CA GLN A 191 17.55 -9.67 -5.84
C GLN A 191 16.83 -8.38 -6.21
N SER A 192 16.03 -8.42 -7.28
CA SER A 192 15.15 -7.30 -7.58
C SER A 192 14.12 -7.06 -6.48
N LEU A 193 13.51 -8.14 -5.98
CA LEU A 193 12.47 -8.03 -4.94
C LEU A 193 12.98 -7.42 -3.67
N ALA A 194 14.28 -7.58 -3.40
CA ALA A 194 14.93 -7.03 -2.20
C ALA A 194 14.95 -5.50 -2.17
N LEU A 195 14.95 -4.88 -3.35
CA LEU A 195 14.81 -3.43 -3.47
C LEU A 195 13.42 -2.97 -3.02
N PHE A 196 12.39 -3.78 -3.25
CA PHE A 196 11.05 -3.44 -2.81
C PHE A 196 11.02 -3.45 -1.29
N THR A 197 11.49 -4.54 -0.68
CA THR A 197 11.67 -4.60 0.76
C THR A 197 12.75 -5.62 1.06
N PRO A 198 13.67 -5.30 2.00
CA PRO A 198 14.57 -6.41 2.38
C PRO A 198 13.86 -7.54 3.15
N ALA A 199 12.67 -7.28 3.70
CA ALA A 199 11.98 -8.28 4.52
C ALA A 199 11.19 -9.21 3.58
N LEU A 200 11.88 -10.17 3.04
CA LEU A 200 11.38 -10.98 1.96
C LEU A 200 11.55 -12.44 2.31
N PHE A 201 10.47 -13.20 2.32
CA PHE A 201 10.53 -14.59 2.77
C PHE A 201 10.03 -15.53 1.71
N PRO A 202 10.95 -16.00 0.85
CA PRO A 202 10.57 -17.06 -0.09
C PRO A 202 10.53 -18.40 0.64
N ARG A 203 9.37 -19.06 0.58
CA ARG A 203 9.15 -20.31 1.31
C ARG A 203 8.36 -21.28 0.46
N SER A 204 8.69 -22.56 0.59
CA SER A 204 8.00 -23.58 -0.15
C SER A 204 7.04 -24.36 0.75
N LEU A 205 5.89 -24.73 0.19
CA LEU A 205 4.94 -25.59 0.88
C LEU A 205 4.04 -26.28 -0.13
N ASP A 206 3.48 -27.42 0.27
CA ASP A 206 2.53 -28.14 -0.54
C ASP A 206 1.26 -27.30 -0.66
N LEU A 207 0.97 -26.85 -1.88
CA LEU A 207 -0.22 -26.06 -2.17
C LEU A 207 -1.40 -26.90 -2.69
N SER A 208 -1.08 -27.98 -3.39
CA SER A 208 -2.03 -28.78 -4.17
C SER A 208 -2.69 -29.99 -3.50
N THR A 209 -2.91 -29.97 -2.18
CA THR A 209 -3.61 -31.13 -1.53
C THR A 209 -4.65 -30.68 -0.48
N ASP A 210 -4.41 -29.54 0.16
CA ASP A 210 -5.30 -28.97 1.17
C ASP A 210 -5.16 -27.44 1.18
N PRO A 211 -5.83 -26.76 0.24
CA PRO A 211 -5.77 -25.30 0.14
C PRO A 211 -5.96 -24.58 1.49
N VAL A 212 -6.95 -25.02 2.29
CA VAL A 212 -7.28 -24.35 3.56
C VAL A 212 -6.15 -24.43 4.61
N LEU A 213 -5.51 -25.60 4.72
CA LEU A 213 -4.36 -25.76 5.62
C LEU A 213 -3.12 -25.02 5.08
N ALA A 214 -2.97 -24.98 3.76
CA ALA A 214 -1.93 -24.15 3.15
C ALA A 214 -2.08 -22.68 3.60
N THR A 215 -3.31 -22.17 3.63
CA THR A 215 -3.55 -20.79 4.09
C THR A 215 -3.30 -20.66 5.60
N GLU A 216 -3.68 -21.69 6.35
CA GLU A 216 -3.37 -21.76 7.79
C GLU A 216 -1.87 -21.67 8.04
N LYS A 217 -1.09 -22.42 7.29
CA LYS A 217 0.36 -22.35 7.38
C LYS A 217 0.97 -20.96 7.06
N ILE A 218 0.50 -20.35 5.98
CA ILE A 218 0.97 -19.03 5.57
C ILE A 218 0.60 -18.00 6.64
N ASN A 219 -0.64 -18.07 7.12
CA ASN A 219 -1.09 -17.15 8.16
C ASN A 219 -0.28 -17.26 9.46
N ARG A 220 -0.06 -18.50 9.92
CA ARG A 220 0.78 -18.81 11.08
C ARG A 220 2.24 -18.41 10.87
N PHE A 221 2.79 -18.70 9.67
CA PHE A 221 4.11 -18.21 9.32
C PHE A 221 4.23 -16.69 9.43
N ILE A 222 3.31 -15.97 8.77
CA ILE A 222 3.36 -14.50 8.76
C ILE A 222 3.18 -13.88 10.17
N LYS A 223 2.20 -14.38 10.92
CA LYS A 223 2.04 -13.94 12.30
C LYS A 223 3.36 -14.14 13.06
N ALA A 224 4.02 -15.28 12.87
CA ALA A 224 5.23 -15.62 13.63
C ALA A 224 6.48 -14.79 13.28
N VAL A 225 6.73 -14.52 12.01
CA VAL A 225 7.91 -13.71 11.66
C VAL A 225 7.72 -12.21 11.92
N THR A 226 6.46 -11.77 12.04
CA THR A 226 6.14 -10.35 12.21
C THR A 226 5.64 -9.97 13.61
N GLY A 227 4.93 -10.87 14.28
CA GLY A 227 4.25 -10.57 15.54
C GLY A 227 3.01 -9.69 15.36
N TRP A 228 2.63 -9.42 14.12
CA TRP A 228 1.46 -8.60 13.83
C TRP A 228 0.15 -9.38 13.92
N LYS A 229 -0.83 -8.82 14.63
CA LYS A 229 -2.18 -9.39 14.75
C LYS A 229 -3.03 -8.80 13.61
N MET A 230 -3.12 -9.53 12.50
CA MET A 230 -3.59 -8.98 11.23
C MET A 230 -4.96 -9.45 10.71
N ASN A 231 -5.52 -10.52 11.27
CA ASN A 231 -6.77 -11.07 10.70
C ASN A 231 -6.66 -11.36 9.20
N LEU A 232 -5.80 -12.29 8.85
CA LEU A 232 -5.59 -12.64 7.45
C LEU A 232 -6.75 -13.50 6.94
N PRO A 233 -7.09 -13.39 5.64
CA PRO A 233 -8.18 -14.17 5.05
C PRO A 233 -7.93 -15.66 5.15
N LEU A 234 -9.00 -16.44 5.20
CA LEU A 234 -8.89 -17.86 5.48
C LEU A 234 -9.13 -18.72 4.25
N GLU A 235 -9.49 -18.08 3.14
CA GLU A 235 -9.79 -18.80 1.92
C GLU A 235 -8.58 -19.57 1.43
N GLY A 236 -8.86 -20.73 0.85
CA GLY A 236 -7.85 -21.60 0.26
C GLY A 236 -7.26 -21.12 -1.05
N VAL A 237 -6.08 -21.64 -1.32
CA VAL A 237 -5.34 -21.48 -2.56
C VAL A 237 -5.88 -22.45 -3.62
N SER A 238 -6.11 -21.96 -4.84
CA SER A 238 -6.43 -22.85 -5.96
CA SER A 238 -6.42 -22.83 -5.96
C SER A 238 -5.36 -23.92 -6.08
N THR A 239 -5.82 -25.17 -6.20
CA THR A 239 -4.97 -26.35 -6.11
C THR A 239 -3.84 -26.45 -7.13
N ASP A 240 -3.92 -25.67 -8.20
CA ASP A 240 -2.88 -25.71 -9.23
C ASP A 240 -1.92 -24.49 -9.20
N SER A 241 -1.94 -23.77 -8.08
CA SER A 241 -1.05 -22.64 -7.87
C SER A 241 0.38 -23.14 -7.59
N THR A 242 1.38 -22.47 -8.17
CA THR A 242 2.75 -22.77 -7.86
C THR A 242 3.45 -21.58 -7.25
N LEU A 243 2.78 -20.43 -7.28
CA LEU A 243 3.39 -19.18 -6.80
C LEU A 243 2.33 -18.23 -6.23
N LEU A 244 2.51 -17.89 -4.96
CA LEU A 244 1.69 -16.89 -4.30
C LEU A 244 2.62 -15.74 -3.93
N PHE A 245 2.14 -14.50 -4.02
CA PHE A 245 2.93 -13.29 -3.79
C PHE A 245 2.13 -12.37 -2.89
N ASN A 246 2.43 -12.43 -1.60
CA ASN A 246 1.64 -11.72 -0.62
C ASN A 246 2.47 -10.62 0.04
N THR A 247 1.87 -9.44 0.14
CA THR A 247 2.56 -8.28 0.65
C THR A 247 1.86 -7.84 1.92
N TYR A 248 2.60 -7.69 3.02
CA TYR A 248 1.99 -7.37 4.29
C TYR A 248 2.55 -6.08 4.82
N VAL A 249 1.65 -5.16 5.18
CA VAL A 249 2.04 -3.79 5.52
C VAL A 249 1.62 -3.43 6.96
N HIS A 250 2.58 -2.91 7.71
CA HIS A 250 2.32 -2.40 9.02
C HIS A 250 2.71 -0.92 9.12
N PHE A 251 1.71 -0.07 9.39
CA PHE A 251 1.97 1.35 9.63
C PHE A 251 1.67 1.67 11.10
N GLN A 252 2.57 2.40 11.75
CA GLN A 252 2.33 2.82 13.12
C GLN A 252 2.72 4.27 13.39
N GLY A 253 1.73 5.05 13.77
CA GLY A 253 1.93 6.45 14.13
C GLY A 253 1.39 6.81 15.50
N THR A 254 2.03 7.80 16.11
CA THR A 254 1.62 8.34 17.39
C THR A 254 1.08 9.75 17.13
N MET A 255 -0.06 10.09 17.75
CA MET A 255 -0.59 11.44 17.63
C MET A 255 -0.04 12.22 18.82
N ARG A 256 1.07 12.93 18.58
CA ARG A 256 1.70 13.79 19.57
C ARG A 256 0.63 14.69 20.24
N GLY A 257 0.40 14.47 21.53
CA GLY A 257 -0.48 15.35 22.31
C GLY A 257 -1.96 14.98 22.29
N PHE A 258 -2.31 13.89 21.62
CA PHE A 258 -3.66 13.35 21.73
C PHE A 258 -3.68 12.29 22.83
N SER A 259 -4.77 12.25 23.59
CA SER A 259 -4.95 11.24 24.60
C SER A 259 -6.37 10.73 24.53
N GLN A 260 -6.61 9.55 25.09
CA GLN A 260 -7.96 8.97 25.11
C GLN A 260 -8.91 9.75 26.03
N LEU A 261 -10.14 9.95 25.58
CA LEU A 261 -11.19 10.62 26.35
C LEU A 261 -11.93 9.66 27.25
N PRO A 262 -12.47 10.16 28.39
CA PRO A 262 -13.17 9.28 29.33
C PRO A 262 -14.41 8.60 28.75
N GLY A 263 -14.48 7.28 28.93
CA GLY A 263 -15.64 6.48 28.54
C GLY A 263 -15.74 6.32 27.04
N VAL A 264 -16.96 6.49 26.54
CA VAL A 264 -17.28 6.21 25.14
C VAL A 264 -18.24 7.24 24.60
N HIS A 265 -18.30 7.33 23.27
CA HIS A 265 -18.97 8.44 22.59
C HIS A 265 -19.62 7.96 21.29
N GLU A 266 -20.78 8.53 20.97
CA GLU A 266 -21.55 8.13 19.81
C GLU A 266 -20.82 8.38 18.50
N PHE A 267 -20.75 7.32 17.69
CA PHE A 267 -20.30 7.42 16.34
C PHE A 267 -21.42 6.89 15.45
N TRP A 268 -21.89 7.72 14.53
CA TRP A 268 -23.03 7.36 13.68
C TRP A 268 -22.59 6.54 12.50
N VAL A 269 -23.14 5.34 12.36
CA VAL A 269 -22.76 4.55 11.20
C VAL A 269 -23.56 5.01 9.99
N ASP A 270 -24.84 5.27 10.19
CA ASP A 270 -25.58 6.07 9.23
C ASP A 270 -26.54 6.95 10.02
N ASN A 271 -27.55 7.53 9.38
CA ASN A 271 -28.40 8.50 10.09
C ASN A 271 -29.26 7.96 11.24
N SER A 272 -29.40 6.64 11.31
CA SER A 272 -30.30 6.05 12.27
C SER A 272 -29.60 5.16 13.29
N ILE A 273 -28.33 4.82 13.03
CA ILE A 273 -27.63 3.84 13.84
C ILE A 273 -26.33 4.38 14.42
N SER A 274 -26.11 4.20 15.71
CA SER A 274 -24.85 4.63 16.31
C SER A 274 -24.14 3.48 17.00
N VAL A 275 -22.83 3.65 17.20
CA VAL A 275 -22.06 2.75 18.07
C VAL A 275 -21.29 3.60 19.06
N SER A 276 -21.23 3.18 20.31
CA SER A 276 -20.45 3.93 21.29
C SER A 276 -19.02 3.38 21.36
N VAL A 277 -18.05 4.23 21.00
CA VAL A 277 -16.62 3.86 20.90
C VAL A 277 -15.68 4.78 21.70
N PRO A 278 -14.45 4.31 22.00
CA PRO A 278 -13.45 5.22 22.58
C PRO A 278 -12.88 6.22 21.55
N MET A 279 -12.82 7.49 21.95
CA MET A 279 -12.28 8.57 21.13
C MET A 279 -10.96 9.08 21.71
N ILE A 280 -10.08 9.56 20.83
CA ILE A 280 -8.93 10.31 21.27
C ILE A 280 -9.12 11.75 20.86
N SER A 281 -8.41 12.64 21.54
CA SER A 281 -8.61 14.06 21.34
C SER A 281 -7.36 14.82 21.65
N GLY A 282 -7.16 15.92 20.94
CA GLY A 282 -5.98 16.71 21.10
C GLY A 282 -6.12 18.07 20.46
N THR A 283 -5.36 19.02 20.99
CA THR A 283 -5.41 20.37 20.53
C THR A 283 -4.06 20.73 19.97
N GLY A 284 -4.01 21.18 18.72
CA GLY A 284 -2.75 21.57 18.10
C GLY A 284 -2.88 22.64 17.03
N ASN A 285 -1.75 23.06 16.47
CA ASN A 285 -1.80 23.91 15.29
C ASN A 285 -1.88 23.10 14.04
N PHE A 286 -3.12 22.87 13.60
CA PHE A 286 -3.38 22.12 12.38
C PHE A 286 -3.99 23.00 11.31
N GLN A 287 -4.00 22.47 10.10
CA GLN A 287 -4.57 23.11 8.93
C GLN A 287 -5.94 22.50 8.72
N HIS A 288 -6.88 23.33 8.30
CA HIS A 288 -8.26 22.93 8.17
C HIS A 288 -8.92 23.87 7.19
N TRP A 289 -9.63 23.32 6.21
CA TRP A 289 -10.41 24.18 5.32
C TRP A 289 -11.71 23.50 4.95
N SER A 290 -12.65 24.31 4.54
CA SER A 290 -13.89 23.86 3.96
C SER A 290 -13.78 24.03 2.42
N ASP A 291 -14.10 23.01 1.64
CA ASP A 291 -14.22 23.13 0.17
C ASP A 291 -15.63 23.60 -0.17
N ALA A 292 -15.77 24.83 -0.66
CA ALA A 292 -17.09 25.37 -0.97
C ALA A 292 -17.78 24.69 -2.14
N GLN A 293 -17.00 24.35 -3.17
CA GLN A 293 -17.55 23.89 -4.43
C GLN A 293 -18.29 22.57 -4.20
N ASN A 294 -17.70 21.69 -3.40
CA ASN A 294 -18.28 20.37 -3.15
C ASN A 294 -18.74 20.11 -1.71
N ASN A 295 -18.58 21.09 -0.82
CA ASN A 295 -19.21 21.00 0.50
C ASN A 295 -18.67 19.87 1.40
N PHE A 296 -17.35 19.77 1.48
CA PHE A 296 -16.68 18.86 2.41
C PHE A 296 -15.59 19.67 3.13
N SER A 297 -15.06 19.16 4.22
CA SER A 297 -13.97 19.88 4.86
C SER A 297 -12.78 18.96 5.13
N VAL A 298 -11.61 19.53 5.33
CA VAL A 298 -10.41 18.74 5.44
C VAL A 298 -9.57 19.26 6.57
N THR A 299 -8.94 18.33 7.30
CA THR A 299 -8.06 18.63 8.40
C THR A 299 -6.78 17.81 8.21
N CYS A 300 -5.63 18.45 8.39
CA CYS A 300 -4.31 17.85 8.25
C CYS A 300 -3.57 17.90 9.57
N VAL A 301 -3.11 16.75 10.02
CA VAL A 301 -2.30 16.68 11.21
C VAL A 301 -0.95 16.06 10.85
N PRO A 302 0.15 16.70 11.30
CA PRO A 302 1.46 16.13 10.95
C PRO A 302 1.70 14.88 11.77
N LEU A 303 2.27 13.85 11.15
CA LEU A 303 2.65 12.63 11.87
C LEU A 303 4.15 12.59 12.18
N GLY A 304 4.94 13.10 11.25
CA GLY A 304 6.34 13.40 11.52
C GLY A 304 6.68 14.68 10.78
N GLU A 305 7.94 14.77 10.35
CA GLU A 305 8.40 15.99 9.68
C GLU A 305 7.99 16.04 8.20
N ARG A 306 7.77 14.87 7.59
CA ARG A 306 7.33 14.80 6.20
C ARG A 306 5.94 14.20 6.00
N ALA A 307 5.42 13.45 6.98
CA ALA A 307 4.15 12.78 6.83
C ALA A 307 2.99 13.61 7.35
N THR A 308 1.84 13.49 6.69
CA THR A 308 0.62 14.18 7.04
C THR A 308 -0.52 13.19 7.08
N LEU A 309 -1.44 13.35 8.05
CA LEU A 309 -2.73 12.68 8.01
C LEU A 309 -3.78 13.68 7.49
N LEU A 310 -4.56 13.26 6.48
CA LEU A 310 -5.66 14.06 5.97
C LEU A 310 -6.95 13.41 6.37
N LEU A 311 -7.83 14.21 6.96
CA LEU A 311 -9.13 13.74 7.42
C LEU A 311 -10.17 14.50 6.66
N ILE A 312 -10.96 13.76 5.89
CA ILE A 312 -11.95 14.37 5.03
C ILE A 312 -13.35 14.06 5.51
N GLN A 313 -14.13 15.10 5.79
CA GLN A 313 -15.53 14.92 6.20
C GLN A 313 -16.50 15.45 5.15
N PRO A 314 -17.41 14.58 4.68
CA PRO A 314 -18.57 15.03 3.93
C PRO A 314 -19.50 15.85 4.86
N HIS A 315 -20.23 16.78 4.27
CA HIS A 315 -21.12 17.61 5.04
C HIS A 315 -22.18 16.77 5.75
N CYS A 316 -22.58 15.67 5.12
CA CYS A 316 -23.57 14.77 5.69
C CYS A 316 -23.31 13.36 5.18
N ILE A 317 -23.78 12.35 5.93
CA ILE A 317 -23.47 10.95 5.67
C ILE A 317 -23.80 10.45 4.26
N SER A 318 -24.95 10.86 3.71
CA SER A 318 -25.39 10.36 2.38
C SER A 318 -24.58 10.95 1.20
N ASP A 319 -23.85 12.04 1.48
CA ASP A 319 -22.90 12.58 0.53
C ASP A 319 -21.51 11.90 0.54
N LEU A 320 -21.33 10.84 1.33
CA LEU A 320 -20.01 10.24 1.46
C LEU A 320 -19.50 9.62 0.18
N ASP A 321 -20.35 8.90 -0.56
CA ASP A 321 -19.90 8.23 -1.78
C ASP A 321 -19.48 9.22 -2.85
N ARG A 322 -20.28 10.28 -3.03
CA ARG A 322 -19.98 11.34 -3.99
C ARG A 322 -18.60 11.98 -3.71
N VAL A 323 -18.40 12.43 -2.47
CA VAL A 323 -17.13 13.01 -2.03
C VAL A 323 -15.93 12.06 -2.21
N GLU A 324 -16.06 10.83 -1.71
CA GLU A 324 -15.03 9.80 -1.92
C GLU A 324 -14.59 9.65 -3.38
N ALA A 325 -15.57 9.52 -4.27
CA ALA A 325 -15.31 9.46 -5.69
C ALA A 325 -14.70 10.74 -6.30
N LEU A 326 -14.92 11.91 -5.68
CA LEU A 326 -14.31 13.16 -6.17
C LEU A 326 -12.84 13.21 -5.84
N ILE A 327 -12.55 12.91 -4.61
CA ILE A 327 -11.30 13.17 -3.97
C ILE A 327 -10.31 12.02 -4.15
N PHE A 328 -10.84 10.80 -4.19
CA PHE A 328 -9.99 9.63 -4.36
C PHE A 328 -10.04 9.07 -5.81
N GLN A 329 -10.07 9.98 -6.80
CA GLN A 329 -10.19 9.63 -8.25
C GLN A 329 -10.67 10.83 -9.08
N ASP A 331 -6.83 12.35 -9.84
CA ASP A 331 -5.58 11.60 -9.83
C ASP A 331 -4.46 12.49 -9.37
N LEU A 332 -4.68 13.79 -9.50
CA LEU A 332 -3.86 14.74 -8.80
C LEU A 332 -4.65 15.15 -7.55
N LEU A 333 -3.93 15.76 -6.63
CA LEU A 333 -4.53 16.15 -5.38
C LEU A 333 -4.82 17.62 -5.47
N THR A 334 -5.43 17.98 -6.59
CA THR A 334 -6.01 19.30 -6.83
C THR A 334 -6.66 19.93 -5.58
N TRP A 335 -7.19 19.08 -4.69
CA TRP A 335 -7.96 19.54 -3.53
C TRP A 335 -7.15 19.75 -2.23
N ILE A 336 -5.90 19.29 -2.19
CA ILE A 336 -5.00 19.63 -1.09
C ILE A 336 -4.63 21.11 -1.13
N GLU A 337 -4.89 21.80 -0.02
CA GLU A 337 -4.62 23.22 0.07
C GLU A 337 -3.61 23.50 1.19
N ASN A 338 -3.09 24.71 1.25
CA ASN A 338 -2.02 24.99 2.19
C ASN A 338 -2.26 26.20 3.09
N PRO A 339 -3.39 26.23 3.83
CA PRO A 339 -3.73 27.43 4.60
C PRO A 339 -2.84 27.60 5.84
N PRO A 340 -2.83 28.81 6.44
CA PRO A 340 -2.10 28.96 7.72
C PRO A 340 -2.70 28.04 8.78
N PRO A 341 -1.85 27.31 9.53
CA PRO A 341 -2.34 26.49 10.63
C PRO A 341 -3.17 27.31 11.62
N ARG A 342 -4.03 26.65 12.39
CA ARG A 342 -4.84 27.35 13.39
C ARG A 342 -5.10 26.40 14.56
N ALA A 343 -5.46 26.98 15.70
CA ALA A 343 -5.78 26.23 16.89
C ALA A 343 -7.02 25.35 16.63
N ILE A 344 -6.83 24.04 16.69
CA ILE A 344 -7.87 23.06 16.37
C ILE A 344 -7.97 22.02 17.51
N ARG A 345 -9.18 21.74 17.97
CA ARG A 345 -9.39 20.63 18.87
C ARG A 345 -10.01 19.52 18.04
N LEU A 346 -9.22 18.47 17.83
CA LEU A 346 -9.61 17.37 16.98
C LEU A 346 -9.97 16.17 17.83
N THR A 347 -11.18 15.67 17.61
CA THR A 347 -11.66 14.46 18.26
C THR A 347 -12.03 13.45 17.19
N LEU A 348 -11.52 12.24 17.35
CA LEU A 348 -11.73 11.16 16.38
C LEU A 348 -11.59 9.79 17.05
N PRO A 349 -12.10 8.74 16.41
CA PRO A 349 -11.90 7.39 16.97
C PRO A 349 -10.43 7.00 16.94
N GLN A 350 -9.96 6.33 17.98
CA GLN A 350 -8.67 5.65 17.88
C GLN A 350 -8.77 4.68 16.73
N LEU A 351 -7.83 4.78 15.79
CA LEU A 351 -7.87 3.96 14.60
C LEU A 351 -6.97 2.73 14.70
N GLU A 352 -7.59 1.57 14.59
CA GLU A 352 -6.90 0.32 14.42
C GLU A 352 -7.51 -0.32 13.19
N ILE A 353 -6.91 -0.09 12.02
CA ILE A 353 -7.55 -0.49 10.78
C ILE A 353 -6.89 -1.70 10.11
N ARG A 354 -7.71 -2.69 9.81
CA ARG A 354 -7.27 -3.93 9.16
C ARG A 354 -7.94 -4.09 7.81
N GLY A 355 -7.16 -4.54 6.83
CA GLY A 355 -7.69 -4.73 5.49
C GLY A 355 -6.90 -5.71 4.68
N SER A 356 -7.56 -6.37 3.76
CA SER A 356 -6.89 -7.31 2.91
C SER A 356 -7.68 -7.55 1.63
N TYR A 357 -7.00 -7.61 0.50
CA TYR A 357 -7.69 -7.88 -0.74
C TYR A 357 -6.74 -8.70 -1.60
N ASN A 358 -7.30 -9.41 -2.58
CA ASN A 358 -6.53 -10.16 -3.57
C ASN A 358 -6.42 -9.34 -4.85
N LEU A 359 -5.22 -8.88 -5.18
CA LEU A 359 -4.98 -8.11 -6.41
C LEU A 359 -5.59 -8.76 -7.65
N GLN A 360 -5.62 -10.09 -7.73
CA GLN A 360 -6.33 -10.83 -8.79
C GLN A 360 -7.79 -10.38 -8.96
N ASP A 361 -8.51 -10.22 -7.85
CA ASP A 361 -9.89 -9.77 -7.87
C ASP A 361 -10.01 -8.34 -8.40
N LEU A 362 -9.16 -7.41 -7.93
CA LEU A 362 -9.19 -6.01 -8.42
C LEU A 362 -8.86 -5.91 -9.91
N LEU A 363 -7.85 -6.66 -10.34
CA LEU A 363 -7.54 -6.77 -11.75
C LEU A 363 -8.70 -7.30 -12.58
N ALA A 364 -9.39 -8.33 -12.07
CA ALA A 364 -10.57 -8.87 -12.78
C ALA A 364 -11.70 -7.84 -12.81
N GLU A 365 -11.78 -7.02 -11.78
CA GLU A 365 -12.79 -5.99 -11.70
C GLU A 365 -12.48 -4.89 -12.71
N ASP A 366 -11.20 -4.74 -13.04
CA ASP A 366 -10.70 -3.76 -13.99
C ASP A 366 -10.71 -4.29 -15.43
N LYS A 367 -11.42 -5.40 -15.65
CA LYS A 367 -11.53 -6.05 -16.97
C LYS A 367 -10.19 -6.58 -17.47
N LEU A 368 -9.34 -6.97 -16.52
CA LEU A 368 -8.05 -7.60 -16.83
C LEU A 368 -7.95 -8.93 -16.08
N PRO A 369 -8.96 -9.80 -16.24
CA PRO A 369 -8.95 -11.01 -15.41
C PRO A 369 -7.71 -11.89 -15.66
N THR A 370 -7.07 -11.73 -16.82
CA THR A 370 -5.96 -12.60 -17.13
C THR A 370 -4.56 -11.95 -17.18
N LEU A 371 -4.42 -10.68 -16.78
CA LEU A 371 -3.07 -10.04 -16.78
C LEU A 371 -2.04 -10.94 -16.08
N LEU A 372 -2.34 -11.27 -14.82
CA LEU A 372 -1.64 -12.31 -14.05
C LEU A 372 -2.35 -13.68 -14.12
N GLY A 373 -3.01 -13.94 -15.24
CA GLY A 373 -3.71 -15.21 -15.44
C GLY A 373 -2.77 -16.33 -15.86
N ALA A 374 -3.35 -17.46 -16.25
CA ALA A 374 -2.57 -18.66 -16.52
C ALA A 374 -1.55 -18.53 -17.66
N GLU A 375 -1.82 -17.64 -18.61
CA GLU A 375 -0.95 -17.48 -19.76
C GLU A 375 0.04 -16.34 -19.60
N ALA A 376 0.06 -15.71 -18.43
CA ALA A 376 0.99 -14.62 -18.21
C ALA A 376 2.39 -15.16 -18.38
N ASN A 377 3.19 -14.46 -19.17
CA ASN A 377 4.58 -14.77 -19.27
C ASN A 377 5.36 -14.25 -18.08
N LEU A 378 5.64 -15.11 -17.12
CA LEU A 378 6.38 -14.72 -15.93
C LEU A 378 7.69 -15.53 -15.83
N ASN A 379 8.32 -15.75 -16.98
CA ASN A 379 9.44 -16.67 -17.09
C ASN A 379 10.73 -16.19 -16.49
N ASN A 380 10.76 -14.92 -16.07
CA ASN A 380 11.90 -14.44 -15.36
C ASN A 380 11.77 -14.54 -13.86
N ILE A 381 10.74 -15.22 -13.40
CA ILE A 381 10.57 -15.46 -11.97
C ILE A 381 11.35 -16.70 -11.52
N GLY A 382 11.20 -17.79 -12.27
CA GLY A 382 11.92 -19.03 -11.99
C GLY A 382 12.25 -19.91 -13.18
N ASP A 383 12.40 -21.21 -12.93
CA ASP A 383 12.78 -22.22 -13.94
C ASP A 383 11.65 -22.71 -14.83
N THR A 384 10.43 -22.53 -14.37
CA THR A 384 9.26 -22.80 -15.20
C THR A 384 8.40 -21.55 -15.08
N ASN A 385 7.45 -21.39 -15.99
CA ASN A 385 6.50 -20.32 -15.91
C ASN A 385 5.63 -20.63 -14.69
N PRO A 386 5.58 -19.74 -13.68
CA PRO A 386 4.77 -20.01 -12.50
C PRO A 386 3.29 -19.95 -12.82
N ARG A 387 2.48 -20.50 -11.94
CA ARG A 387 1.06 -20.44 -12.08
C ARG A 387 0.58 -19.73 -10.81
N VAL A 388 0.23 -18.44 -10.96
CA VAL A 388 0.02 -17.55 -9.84
C VAL A 388 -1.36 -17.71 -9.22
N GLY A 389 -1.37 -17.97 -7.92
CA GLY A 389 -2.63 -18.01 -7.15
C GLY A 389 -2.88 -16.61 -6.63
N GLU A 390 -3.21 -16.49 -5.36
CA GLU A 390 -3.46 -15.18 -4.75
C GLU A 390 -2.25 -14.23 -4.81
N VAL A 391 -2.55 -12.94 -4.84
CA VAL A 391 -1.58 -11.90 -4.67
C VAL A 391 -2.15 -10.93 -3.62
N LEU A 392 -2.07 -11.31 -2.35
CA LEU A 392 -2.71 -10.56 -1.27
C LEU A 392 -1.93 -9.31 -0.89
N ASN A 393 -2.65 -8.25 -0.54
CA ASN A 393 -2.03 -7.10 0.11
C ASN A 393 -2.78 -7.00 1.42
N SER A 394 -2.07 -7.01 2.54
CA SER A 394 -2.75 -6.89 3.81
C SER A 394 -2.14 -5.78 4.61
N ILE A 395 -3.00 -5.08 5.34
CA ILE A 395 -2.62 -3.91 6.10
C ILE A 395 -3.06 -3.96 7.56
N LEU A 396 -2.15 -3.52 8.43
CA LEU A 396 -2.46 -3.14 9.78
C LEU A 396 -2.01 -1.69 9.95
N LEU A 397 -2.96 -0.77 10.10
CA LEU A 397 -2.63 0.62 10.28
C LEU A 397 -3.09 1.04 11.66
N GLU A 398 -2.14 1.53 12.44
CA GLU A 398 -2.40 1.90 13.82
C GLU A 398 -2.01 3.36 14.09
N LEU A 399 -3.00 4.16 14.47
CA LEU A 399 -2.80 5.53 14.98
C LEU A 399 -3.04 5.58 16.48
N LYS A 400 -1.97 5.79 17.22
CA LYS A 400 -1.99 5.71 18.67
C LYS A 400 -2.06 7.10 19.27
N ALA A 401 -2.76 7.22 20.40
CA ALA A 401 -2.76 8.45 21.18
C ALA A 401 -1.36 8.60 21.74
N GLY A 402 -0.80 9.80 21.65
CA GLY A 402 0.58 10.04 22.08
C GLY A 402 0.79 10.16 23.58
N GLU A 403 -0.29 10.12 24.35
CA GLU A 403 -0.23 10.34 25.81
C GLU A 403 -1.26 9.49 26.54
N GLU A 404 -1.01 9.22 27.82
CA GLU A 404 -1.99 8.53 28.68
C GLU A 404 -3.15 9.47 29.06
N GLU A 405 -4.19 8.92 29.69
CA GLU A 405 -5.40 9.69 29.99
C GLU A 405 -5.35 10.45 31.33
N GLN A 406 -6.24 11.42 31.53
CA GLN A 406 -6.56 11.93 32.88
C GLN A 406 -8.07 11.85 33.19
N PRO A 417 -8.32 28.27 26.56
CA PRO A 417 -7.52 27.77 25.41
C PRO A 417 -8.32 27.66 24.09
N GLU A 418 -8.75 28.80 23.54
CA GLU A 418 -9.73 28.85 22.43
C GLU A 418 -9.29 28.12 21.15
N ALA A 419 -10.20 27.35 20.57
CA ALA A 419 -9.88 26.49 19.44
C ALA A 419 -11.14 26.08 18.68
N LEU A 420 -10.95 25.68 17.42
CA LEU A 420 -12.05 25.19 16.59
C LEU A 420 -12.22 23.67 16.78
N ASP A 421 -13.43 23.22 17.11
CA ASP A 421 -13.70 21.80 17.32
C ASP A 421 -13.99 21.10 15.99
N VAL A 422 -13.13 20.15 15.62
CA VAL A 422 -13.43 19.20 14.57
C VAL A 422 -13.64 17.86 15.28
N THR A 423 -14.80 17.25 15.07
CA THR A 423 -15.14 15.99 15.72
C THR A 423 -15.59 15.03 14.63
N LEU A 424 -14.88 13.92 14.52
CA LEU A 424 -15.17 12.88 13.54
C LEU A 424 -16.10 11.86 14.19
N SER A 425 -17.39 12.18 14.22
CA SER A 425 -18.35 11.31 14.88
C SER A 425 -19.29 10.68 13.87
N SER A 426 -18.88 10.67 12.60
CA SER A 426 -19.59 9.88 11.61
C SER A 426 -18.65 9.53 10.45
N PRO A 427 -19.11 8.72 9.48
CA PRO A 427 -18.12 8.22 8.51
C PRO A 427 -17.27 9.32 7.85
N PHE A 428 -15.98 9.05 7.68
CA PHE A 428 -15.03 9.98 7.06
C PHE A 428 -14.01 9.22 6.23
N LEU A 429 -13.22 9.97 5.46
CA LEU A 429 -12.14 9.44 4.65
C LEU A 429 -10.82 9.92 5.23
N PHE A 430 -9.76 9.14 4.99
CA PHE A 430 -8.44 9.49 5.44
C PHE A 430 -7.40 9.18 4.37
N ALA A 431 -6.27 9.86 4.46
CA ALA A 431 -5.14 9.58 3.61
C ALA A 431 -3.91 9.91 4.43
N ILE A 432 -2.84 9.15 4.21
CA ILE A 432 -1.54 9.47 4.77
C ILE A 432 -0.64 9.75 3.60
N TYR A 433 0.09 10.86 3.72
CA TYR A 433 0.64 11.59 2.59
C TYR A 433 2.04 12.11 2.92
N GLU A 434 2.95 12.04 1.95
CA GLU A 434 4.31 12.53 2.17
C GLU A 434 4.61 13.73 1.27
N GLN A 435 4.91 14.87 1.90
CA GLN A 435 4.92 16.21 1.28
C GLN A 435 5.93 16.40 0.15
N ASP A 436 7.11 15.84 0.32
CA ASP A 436 8.20 16.04 -0.64
C ASP A 436 7.94 15.38 -2.00
N SER A 437 7.65 14.08 -2.01
CA SER A 437 7.35 13.36 -3.25
C SER A 437 5.91 13.56 -3.73
N GLY A 438 5.02 13.92 -2.83
CA GLY A 438 3.60 13.86 -3.13
C GLY A 438 2.98 12.46 -3.09
N THR A 439 3.68 11.48 -2.52
CA THR A 439 3.15 10.10 -2.48
C THR A 439 2.03 9.92 -1.45
N LEU A 440 0.89 9.38 -1.87
CA LEU A 440 -0.09 8.86 -0.91
C LEU A 440 0.29 7.44 -0.53
N HIS A 441 0.58 7.24 0.74
CA HIS A 441 0.93 5.95 1.29
C HIS A 441 -0.26 5.12 1.76
N PHE A 442 -1.38 5.78 2.04
CA PHE A 442 -2.63 5.10 2.39
C PHE A 442 -3.75 6.01 2.00
N LEU A 443 -4.82 5.41 1.49
CA LEU A 443 -6.14 6.04 1.50
C LEU A 443 -7.17 5.06 2.06
N GLY A 444 -8.30 5.59 2.55
CA GLY A 444 -9.36 4.76 3.09
C GLY A 444 -10.58 5.52 3.60
N ARG A 445 -11.54 4.75 4.11
CA ARG A 445 -12.82 5.24 4.55
C ARG A 445 -13.12 4.50 5.84
N VAL A 446 -13.52 5.22 6.88
CA VAL A 446 -14.00 4.58 8.11
C VAL A 446 -15.55 4.70 8.19
N ASN A 447 -16.24 3.57 8.16
CA ASN A 447 -17.70 3.53 8.27
C ASN A 447 -18.11 3.18 9.68
N ASN A 448 -17.25 2.45 10.37
CA ASN A 448 -17.56 1.86 11.68
C ASN A 448 -16.23 1.44 12.28
N PRO A 449 -15.76 2.18 13.30
CA PRO A 449 -14.50 1.76 13.94
C PRO A 449 -14.72 0.49 14.77
N GLN A 450 -15.89 0.39 15.41
CA GLN A 450 -16.49 -0.88 15.95
C GLN A 450 -17.47 -0.67 17.10
NA NA B . 17.80 9.29 -15.00
C1 EDO C . 7.24 9.09 -22.38
O1 EDO C . 7.04 8.11 -21.33
C2 EDO C . 6.02 9.15 -23.32
O2 EDO C . 6.36 9.25 -24.72
NA NA D . 22.21 -14.22 -12.39
C1 EDO E . -13.65 24.83 -3.91
O1 EDO E . -13.28 24.63 -5.28
C2 EDO E . -13.95 26.30 -3.66
O2 EDO E . -13.58 26.62 -2.32
C1 EDO F . -14.73 5.16 -6.07
O1 EDO F . -14.40 4.85 -4.71
C2 EDO F . -13.61 5.96 -6.72
O2 EDO F . -12.43 6.04 -5.93
NA NA G . 12.78 -4.02 -16.03
NA NA H . 11.27 17.65 -13.60
#